data_5KD9
#
_entry.id   5KD9
#
_cell.length_a   54.951
_cell.length_b   81.654
_cell.length_c   58.795
_cell.angle_alpha   90.000
_cell.angle_beta   110.970
_cell.angle_gamma   90.000
#
_symmetry.space_group_name_H-M   'P 1 21 1'
#
loop_
_entity.id
_entity.type
_entity.pdbx_description
1 polymer 'Estrogen receptor'
2 polymer NCOA2
3 non-polymer (1S,2R,4S)-N-(4-chlorophenyl)-5,6-bis(4-hydroxyphenyl)-N-(2,2,2-trifluoroethyl)-7-oxabicyclo[2.2.1]hept-5-ene-2-sulfonamide
4 water water
#
loop_
_entity_poly.entity_id
_entity_poly.type
_entity_poly.pdbx_seq_one_letter_code
_entity_poly.pdbx_strand_id
1 'polypeptide(L)'
;IKRSKKNSLALSLTADQMVSALLDAEPPILYSEYDPTRPFSEASMMGLLTNLADRELVHMINWAKRVPGFVDLTLHDQVH
LLECAWLEILMIGLVWRSMEHPGKLLFAPNLLLDRNQGKCVEGMVEIFDMLLATSSRFRMMNLQGEEFVCLKSIILLNSG
VYTFLSSTLKSLEEKDHIHRVLDKITDTLIHLMAKAGLTLQQQHQRLAQLLLILSHIRHMSNKGMEHLYSMKCKNVVPLS
DLLLEMLDAHRLHAPTS
;
A,B
2 'polypeptide(L)' KHKILHRLLQDSSS C,D
#
loop_
_chem_comp.id
_chem_comp.type
_chem_comp.name
_chem_comp.formula
OBT non-polymer (1S,2R,4S)-N-(4-chlorophenyl)-5,6-bis(4-hydroxyphenyl)-N-(2,2,2-trifluoroethyl)-7-oxabicyclo[2.2.1]hept-5-ene-2-sulfonamide 'C26 H21 Cl F3 N O5 S'
#
# COMPACT_ATOMS: atom_id res chain seq x y z
N SER A 8 -13.15 -21.25 -13.71
CA SER A 8 -12.11 -20.38 -14.24
C SER A 8 -10.85 -21.16 -14.59
N LEU A 9 -10.38 -20.99 -15.82
CA LEU A 9 -9.23 -21.73 -16.33
C LEU A 9 -7.95 -21.42 -15.57
N ALA A 10 -7.87 -20.22 -14.99
CA ALA A 10 -6.67 -19.76 -14.30
C ALA A 10 -6.23 -20.64 -13.13
N LEU A 11 -7.20 -21.25 -12.46
CA LEU A 11 -6.90 -22.06 -11.28
C LEU A 11 -6.35 -23.42 -11.68
N SER A 12 -6.56 -23.78 -12.95
CA SER A 12 -6.13 -25.10 -13.43
C SER A 12 -4.69 -25.06 -13.92
N LEU A 13 -4.21 -23.86 -14.23
CA LEU A 13 -2.84 -23.66 -14.68
C LEU A 13 -1.83 -24.18 -13.66
N THR A 14 -0.72 -24.73 -14.13
CA THR A 14 0.39 -25.04 -13.25
C THR A 14 1.16 -23.76 -13.02
N ALA A 15 2.12 -23.79 -12.10
CA ALA A 15 2.91 -22.60 -11.79
C ALA A 15 3.73 -22.18 -13.00
N ASP A 16 4.35 -23.15 -13.65
CA ASP A 16 5.13 -22.88 -14.85
C ASP A 16 4.25 -22.31 -15.96
N GLN A 17 3.05 -22.87 -16.10
CA GLN A 17 2.09 -22.38 -17.09
C GLN A 17 1.65 -20.95 -16.78
N MET A 18 1.44 -20.65 -15.50
CA MET A 18 1.08 -19.30 -15.08
C MET A 18 2.18 -18.32 -15.45
N VAL A 19 3.42 -18.69 -15.15
CA VAL A 19 4.57 -17.83 -15.45
C VAL A 19 4.66 -17.56 -16.95
N SER A 20 4.61 -18.64 -17.74
CA SER A 20 4.70 -18.54 -19.18
C SER A 20 3.60 -17.63 -19.73
N ALA A 21 2.40 -17.75 -19.18
CA ALA A 21 1.27 -16.94 -19.62
C ALA A 21 1.49 -15.46 -19.32
N LEU A 22 2.03 -15.18 -18.14
CA LEU A 22 2.28 -13.80 -17.73
C LEU A 22 3.41 -13.17 -18.53
N LEU A 23 4.46 -13.94 -18.77
CA LEU A 23 5.57 -13.48 -19.60
C LEU A 23 5.10 -13.14 -21.01
N ASP A 24 4.26 -14.00 -21.57
CA ASP A 24 3.76 -13.85 -22.93
C ASP A 24 2.81 -12.65 -23.04
N ALA A 25 2.20 -12.28 -21.91
CA ALA A 25 1.22 -11.21 -21.86
C ALA A 25 1.87 -9.84 -21.76
N GLU A 26 3.17 -9.81 -21.50
CA GLU A 26 3.89 -8.56 -21.25
C GLU A 26 3.69 -7.56 -22.38
N PRO A 27 3.37 -6.31 -22.03
CA PRO A 27 3.28 -5.26 -23.05
C PRO A 27 4.66 -4.89 -23.56
N PRO A 28 4.74 -4.26 -24.74
CA PRO A 28 6.05 -3.83 -25.27
C PRO A 28 6.58 -2.60 -24.55
N ILE A 29 7.87 -2.29 -24.74
CA ILE A 29 8.42 -1.07 -24.18
C ILE A 29 8.29 0.04 -25.22
N LEU A 30 7.50 1.04 -24.93
CA LEU A 30 7.27 2.14 -25.86
C LEU A 30 8.32 3.22 -25.83
N TYR A 31 8.44 3.93 -26.95
CA TYR A 31 9.36 5.05 -27.01
C TYR A 31 8.64 6.36 -26.73
N SER A 32 9.37 7.32 -26.19
CA SER A 32 8.88 8.67 -26.08
C SER A 32 8.85 9.32 -27.46
N GLU A 33 8.06 10.38 -27.58
CA GLU A 33 8.22 11.29 -28.70
C GLU A 33 9.68 11.72 -28.71
N TYR A 34 10.24 11.91 -29.91
CA TYR A 34 11.64 12.28 -30.04
C TYR A 34 11.79 13.80 -30.07
N ASP A 35 10.70 14.50 -29.77
CA ASP A 35 10.70 15.95 -29.64
C ASP A 35 9.58 16.38 -28.70
N PRO A 36 9.86 17.31 -27.78
CA PRO A 36 11.15 17.96 -27.60
C PRO A 36 12.16 17.08 -26.86
N THR A 37 13.43 17.40 -26.98
CA THR A 37 14.47 16.68 -26.25
C THR A 37 14.97 17.53 -25.10
N ARG A 38 15.86 16.96 -24.30
CA ARG A 38 16.51 17.67 -23.21
C ARG A 38 17.11 18.98 -23.71
N PRO A 39 17.12 20.02 -22.87
CA PRO A 39 16.56 20.13 -21.51
C PRO A 39 15.03 20.21 -21.50
N PHE A 40 14.44 20.17 -20.30
CA PHE A 40 12.99 20.10 -20.16
C PHE A 40 12.39 21.22 -19.32
N SER A 41 11.21 21.68 -19.73
CA SER A 41 10.38 22.56 -18.92
C SER A 41 9.28 21.72 -18.29
N GLU A 42 8.53 22.31 -17.36
CA GLU A 42 7.46 21.56 -16.71
C GLU A 42 6.41 21.17 -17.74
N ALA A 43 6.18 22.04 -18.71
CA ALA A 43 5.20 21.77 -19.76
C ALA A 43 5.66 20.65 -20.68
N SER A 44 6.90 20.74 -21.15
CA SER A 44 7.42 19.74 -22.09
C SER A 44 7.59 18.39 -21.41
N MET A 45 8.03 18.40 -20.15
CA MET A 45 8.17 17.18 -19.38
C MET A 45 6.85 16.45 -19.25
N MET A 46 5.83 17.17 -18.79
CA MET A 46 4.52 16.57 -18.58
C MET A 46 3.89 16.16 -19.92
N GLY A 47 4.16 16.94 -20.96
CA GLY A 47 3.66 16.64 -22.29
C GLY A 47 4.16 15.29 -22.77
N LEU A 48 5.46 15.06 -22.61
CA LEU A 48 6.08 13.80 -23.00
C LEU A 48 5.56 12.64 -22.16
N LEU A 49 5.48 12.84 -20.85
CA LEU A 49 5.06 11.76 -19.97
C LEU A 49 3.59 11.43 -20.17
N THR A 50 2.77 12.45 -20.40
CA THR A 50 1.34 12.25 -20.61
C THR A 50 1.09 11.48 -21.91
N ASN A 51 1.80 11.87 -22.95
CA ASN A 51 1.68 11.19 -24.23
C ASN A 51 2.07 9.72 -24.13
N LEU A 52 3.17 9.45 -23.45
CA LEU A 52 3.66 8.09 -23.27
C LEU A 52 2.69 7.25 -22.44
N ALA A 53 2.25 7.80 -21.32
CA ALA A 53 1.35 7.11 -20.41
C ALA A 53 0.05 6.74 -21.09
N ASP A 54 -0.46 7.66 -21.92
CA ASP A 54 -1.69 7.42 -22.66
CA ASP A 54 -1.68 7.44 -22.70
C ASP A 54 -1.55 6.21 -23.59
N ARG A 55 -0.43 6.12 -24.31
CA ARG A 55 -0.22 4.97 -25.18
C ARG A 55 0.05 3.70 -24.40
N GLU A 56 0.75 3.81 -23.29
CA GLU A 56 0.96 2.64 -22.42
C GLU A 56 -0.36 2.07 -21.87
N LEU A 57 -1.33 2.94 -21.63
CA LEU A 57 -2.61 2.50 -21.07
C LEU A 57 -3.33 1.56 -22.01
N VAL A 58 -3.23 1.83 -23.31
CA VAL A 58 -3.89 0.99 -24.29
C VAL A 58 -3.32 -0.42 -24.26
N HIS A 59 -2.00 -0.53 -24.15
CA HIS A 59 -1.36 -1.84 -24.04
C HIS A 59 -1.67 -2.50 -22.68
N MET A 60 -1.76 -1.68 -21.65
CA MET A 60 -2.08 -2.19 -20.31
C MET A 60 -3.42 -2.90 -20.31
N ILE A 61 -4.40 -2.27 -20.97
CA ILE A 61 -5.74 -2.84 -21.04
C ILE A 61 -5.73 -4.20 -21.74
N ASN A 62 -4.93 -4.32 -22.80
CA ASN A 62 -4.83 -5.60 -23.48
C ASN A 62 -3.97 -6.60 -22.72
N TRP A 63 -3.04 -6.09 -21.93
CA TRP A 63 -2.28 -6.95 -21.04
C TRP A 63 -3.19 -7.54 -19.96
N ALA A 64 -4.02 -6.69 -19.36
CA ALA A 64 -4.91 -7.11 -18.27
C ALA A 64 -5.89 -8.20 -18.69
N LYS A 65 -6.48 -8.08 -19.87
CA LYS A 65 -7.44 -9.07 -20.33
C LYS A 65 -6.75 -10.42 -20.57
N ARG A 66 -5.41 -10.41 -20.58
CA ARG A 66 -4.62 -11.63 -20.72
C ARG A 66 -4.05 -12.17 -19.40
N VAL A 67 -4.25 -11.44 -18.30
CA VAL A 67 -3.88 -11.96 -16.99
C VAL A 67 -4.91 -13.02 -16.59
N PRO A 68 -4.46 -14.26 -16.36
CA PRO A 68 -5.39 -15.35 -16.06
C PRO A 68 -6.32 -15.01 -14.91
N GLY A 69 -7.63 -15.17 -15.14
CA GLY A 69 -8.62 -14.84 -14.13
C GLY A 69 -9.33 -13.52 -14.36
N PHE A 70 -8.67 -12.60 -15.07
CA PHE A 70 -9.22 -11.26 -15.29
C PHE A 70 -10.45 -11.28 -16.20
N VAL A 71 -10.39 -12.06 -17.27
CA VAL A 71 -11.50 -12.16 -18.21
C VAL A 71 -12.75 -12.75 -17.56
N ASP A 72 -12.57 -13.45 -16.44
CA ASP A 72 -13.67 -14.11 -15.76
C ASP A 72 -14.55 -13.13 -14.99
N LEU A 73 -14.03 -11.92 -14.77
CA LEU A 73 -14.75 -10.90 -14.03
C LEU A 73 -15.74 -10.18 -14.94
N THR A 74 -16.79 -9.62 -14.34
CA THR A 74 -17.72 -8.78 -15.09
C THR A 74 -16.97 -7.57 -15.64
N LEU A 75 -17.52 -6.98 -16.70
CA LEU A 75 -16.92 -5.80 -17.31
C LEU A 75 -16.75 -4.70 -16.26
N HIS A 76 -17.78 -4.50 -15.44
CA HIS A 76 -17.74 -3.48 -14.41
C HIS A 76 -16.62 -3.69 -13.40
N ASP A 77 -16.38 -4.94 -13.03
CA ASP A 77 -15.31 -5.26 -12.09
C ASP A 77 -13.95 -5.07 -12.75
N GLN A 78 -13.88 -5.36 -14.03
CA GLN A 78 -12.67 -5.13 -14.76
C GLN A 78 -12.34 -3.66 -14.82
N VAL A 79 -13.32 -2.83 -15.06
CA VAL A 79 -13.12 -1.42 -15.11
C VAL A 79 -12.64 -0.91 -13.76
N HIS A 80 -13.23 -1.41 -12.70
CA HIS A 80 -12.90 -0.95 -11.39
C HIS A 80 -11.47 -1.25 -11.05
N LEU A 81 -11.03 -2.46 -11.33
CA LEU A 81 -9.66 -2.83 -11.01
C LEU A 81 -8.63 -2.00 -11.75
N LEU A 82 -8.86 -1.81 -13.05
CA LEU A 82 -7.94 -1.01 -13.86
C LEU A 82 -7.95 0.46 -13.42
N GLU A 83 -9.13 0.97 -13.08
CA GLU A 83 -9.22 2.34 -12.60
C GLU A 83 -8.42 2.52 -11.31
N CYS A 84 -8.46 1.52 -10.44
CA CYS A 84 -7.74 1.59 -9.16
C CYS A 84 -6.22 1.45 -9.34
N ALA A 85 -5.81 0.54 -10.22
CA ALA A 85 -4.42 0.10 -10.24
C ALA A 85 -3.54 0.71 -11.32
N TRP A 86 -4.11 1.47 -12.26
CA TRP A 86 -3.36 1.81 -13.47
C TRP A 86 -2.04 2.55 -13.21
N LEU A 87 -2.02 3.47 -12.25
CA LEU A 87 -0.79 4.22 -12.03
C LEU A 87 0.24 3.34 -11.31
N GLU A 88 -0.21 2.54 -10.35
CA GLU A 88 0.66 1.53 -9.73
C GLU A 88 1.34 0.64 -10.75
N ILE A 89 0.57 0.19 -11.74
CA ILE A 89 1.07 -0.70 -12.78
C ILE A 89 2.08 0.03 -13.69
N LEU A 90 1.79 1.28 -14.06
CA LEU A 90 2.76 2.08 -14.81
C LEU A 90 4.03 2.28 -13.98
N MET A 91 3.87 2.52 -12.69
CA MET A 91 5.03 2.76 -11.85
C MET A 91 5.91 1.54 -11.64
N ILE A 92 5.31 0.37 -11.39
CA ILE A 92 6.14 -0.81 -11.15
C ILE A 92 6.87 -1.16 -12.46
N GLY A 93 6.21 -0.92 -13.58
CA GLY A 93 6.82 -1.07 -14.90
C GLY A 93 8.05 -0.18 -15.05
N LEU A 94 7.88 1.09 -14.70
CA LEU A 94 8.97 2.07 -14.75
C LEU A 94 10.13 1.68 -13.85
N VAL A 95 9.82 1.27 -12.63
CA VAL A 95 10.85 0.85 -11.71
C VAL A 95 11.59 -0.38 -12.25
N TRP A 96 10.85 -1.32 -12.83
CA TRP A 96 11.44 -2.53 -13.39
C TRP A 96 12.44 -2.23 -14.51
N ARG A 97 12.04 -1.42 -15.48
CA ARG A 97 12.93 -1.16 -16.62
C ARG A 97 14.02 -0.15 -16.26
N SER A 98 13.93 0.45 -15.07
CA SER A 98 14.96 1.37 -14.60
C SER A 98 16.03 0.69 -13.76
N MET A 99 15.84 -0.60 -13.50
CA MET A 99 16.70 -1.33 -12.55
C MET A 99 18.17 -1.30 -12.91
N GLU A 100 18.48 -1.54 -14.18
CA GLU A 100 19.89 -1.59 -14.59
C GLU A 100 20.37 -0.22 -15.03
N HIS A 101 19.65 0.81 -14.61
CA HIS A 101 20.10 2.18 -14.75
C HIS A 101 20.08 2.89 -13.40
N PRO A 102 20.97 2.47 -12.48
CA PRO A 102 20.98 3.00 -11.11
C PRO A 102 21.04 4.52 -11.10
N GLY A 103 20.18 5.15 -10.29
CA GLY A 103 20.18 6.59 -10.17
C GLY A 103 19.38 7.29 -11.25
N LYS A 104 18.82 6.52 -12.18
CA LYS A 104 18.02 7.10 -13.25
C LYS A 104 16.69 6.39 -13.43
N LEU A 105 15.76 7.06 -14.09
CA LEU A 105 14.46 6.47 -14.41
C LEU A 105 14.32 6.36 -15.93
N LEU A 106 14.13 5.13 -16.40
CA LEU A 106 13.99 4.89 -17.83
C LEU A 106 12.51 4.91 -18.22
N PHE A 107 11.97 6.11 -18.42
CA PHE A 107 10.57 6.24 -18.82
C PHE A 107 10.36 5.58 -20.19
N ALA A 108 11.35 5.76 -21.05
CA ALA A 108 11.42 5.11 -22.36
C ALA A 108 12.89 4.93 -22.73
N PRO A 109 13.21 4.07 -23.70
CA PRO A 109 14.61 3.91 -24.07
C PRO A 109 15.26 5.21 -24.53
N ASN A 110 14.46 6.14 -25.04
CA ASN A 110 14.98 7.44 -25.49
C ASN A 110 14.58 8.57 -24.54
N LEU A 111 14.20 8.20 -23.31
CA LEU A 111 13.85 9.19 -22.30
C LEU A 111 14.28 8.70 -20.92
N LEU A 112 15.56 8.86 -20.63
CA LEU A 112 16.16 8.45 -19.37
C LEU A 112 16.45 9.71 -18.55
N LEU A 113 15.91 9.79 -17.35
CA LEU A 113 15.99 11.02 -16.57
C LEU A 113 16.63 10.81 -15.20
N ASP A 114 17.29 11.85 -14.69
CA ASP A 114 17.79 11.83 -13.31
C ASP A 114 16.99 12.83 -12.47
N ARG A 115 17.24 12.82 -11.16
CA ARG A 115 16.41 13.60 -10.24
C ARG A 115 16.60 15.10 -10.41
N ASN A 116 17.70 15.51 -11.03
CA ASN A 116 17.92 16.91 -11.37
C ASN A 116 16.81 17.42 -12.28
N GLN A 117 16.35 16.55 -13.17
CA GLN A 117 15.29 16.88 -14.09
C GLN A 117 13.93 16.69 -13.43
N GLY A 118 13.95 16.19 -12.19
CA GLY A 118 12.73 15.98 -11.43
C GLY A 118 12.17 17.26 -10.83
N LYS A 119 13.05 18.22 -10.57
CA LYS A 119 12.62 19.51 -10.01
C LYS A 119 11.83 20.32 -11.03
N CYS A 120 11.84 19.81 -12.25
CA CYS A 120 11.11 20.37 -13.39
C CYS A 120 9.70 20.83 -13.02
N VAL A 121 8.92 19.89 -12.49
CA VAL A 121 7.55 20.19 -12.07
C VAL A 121 7.29 19.61 -10.69
N GLU A 122 7.78 20.31 -9.66
CA GLU A 122 7.56 19.92 -8.28
C GLU A 122 6.06 19.80 -7.98
N GLY A 123 5.69 18.86 -7.12
CA GLY A 123 6.64 17.99 -6.44
C GLY A 123 6.83 16.64 -7.10
N MET A 124 7.47 16.63 -8.27
CA MET A 124 7.80 15.40 -8.94
C MET A 124 9.11 14.83 -8.40
N VAL A 125 9.92 15.70 -7.81
CA VAL A 125 11.20 15.28 -7.26
C VAL A 125 11.01 14.33 -6.07
N GLU A 126 9.98 14.56 -5.27
CA GLU A 126 9.68 13.69 -4.14
C GLU A 126 9.27 12.30 -4.63
N ILE A 127 8.44 12.26 -5.66
CA ILE A 127 8.00 11.00 -6.24
C ILE A 127 9.14 10.36 -7.02
N PHE A 128 9.94 11.20 -7.68
CA PHE A 128 11.14 10.75 -8.37
C PHE A 128 12.01 9.94 -7.42
N ASP A 129 12.28 10.50 -6.25
CA ASP A 129 13.16 9.86 -5.27
C ASP A 129 12.57 8.55 -4.76
N MET A 130 11.26 8.52 -4.60
CA MET A 130 10.57 7.30 -4.18
C MET A 130 10.72 6.21 -5.24
N LEU A 131 10.62 6.61 -6.51
CA LEU A 131 10.74 5.65 -7.59
C LEU A 131 12.15 5.09 -7.66
N LEU A 132 13.13 5.99 -7.51
CA LEU A 132 14.54 5.60 -7.51
C LEU A 132 14.84 4.62 -6.39
N ALA A 133 14.30 4.90 -5.20
CA ALA A 133 14.52 4.04 -4.04
C ALA A 133 13.95 2.65 -4.29
N THR A 134 12.81 2.59 -4.97
CA THR A 134 12.15 1.31 -5.25
C THR A 134 12.97 0.51 -6.25
N SER A 135 13.50 1.20 -7.25
CA SER A 135 14.35 0.57 -8.25
C SER A 135 15.61 0.02 -7.58
N SER A 136 16.18 0.80 -6.68
CA SER A 136 17.38 0.39 -5.94
C SER A 136 17.11 -0.87 -5.13
N ARG A 137 15.93 -0.92 -4.50
CA ARG A 137 15.54 -2.05 -3.68
C ARG A 137 15.37 -3.31 -4.53
N PHE A 138 14.70 -3.17 -5.68
CA PHE A 138 14.53 -4.28 -6.61
C PHE A 138 15.88 -4.81 -7.09
N ARG A 139 16.79 -3.90 -7.42
CA ARG A 139 18.11 -4.28 -7.92
C ARG A 139 18.91 -5.04 -6.87
N MET A 140 18.90 -4.55 -5.64
CA MET A 140 19.62 -5.20 -4.55
C MET A 140 19.01 -6.54 -4.19
N MET A 141 17.71 -6.68 -4.42
CA MET A 141 17.02 -7.95 -4.19
C MET A 141 17.20 -8.91 -5.35
N ASN A 142 17.83 -8.44 -6.43
CA ASN A 142 17.96 -9.22 -7.65
CA ASN A 142 17.97 -9.23 -7.64
C ASN A 142 16.63 -9.76 -8.10
N LEU A 143 15.64 -8.87 -8.20
CA LEU A 143 14.31 -9.23 -8.65
C LEU A 143 14.36 -9.77 -10.06
N GLN A 144 13.68 -10.91 -10.27
CA GLN A 144 13.69 -11.57 -11.56
C GLN A 144 12.45 -11.24 -12.36
N GLY A 145 12.53 -11.32 -13.68
CA GLY A 145 11.41 -11.00 -14.54
C GLY A 145 10.16 -11.79 -14.22
N GLU A 146 10.34 -13.06 -13.87
CA GLU A 146 9.24 -13.94 -13.52
C GLU A 146 8.57 -13.47 -12.23
N GLU A 147 9.37 -12.94 -11.31
CA GLU A 147 8.81 -12.42 -10.07
C GLU A 147 8.07 -11.11 -10.33
N PHE A 148 8.66 -10.26 -11.16
CA PHE A 148 8.06 -8.98 -11.52
C PHE A 148 6.67 -9.13 -12.14
N VAL A 149 6.50 -10.07 -13.08
CA VAL A 149 5.20 -10.20 -13.72
C VAL A 149 4.15 -10.72 -12.72
N CYS A 150 4.57 -11.54 -11.76
CA CYS A 150 3.66 -11.96 -10.69
C CYS A 150 3.22 -10.77 -9.86
N LEU A 151 4.18 -9.93 -9.48
CA LEU A 151 3.89 -8.76 -8.66
C LEU A 151 2.96 -7.79 -9.36
N LYS A 152 3.17 -7.59 -10.65
CA LYS A 152 2.36 -6.65 -11.41
C LYS A 152 0.92 -7.15 -11.50
N SER A 153 0.76 -8.46 -11.69
CA SER A 153 -0.57 -9.06 -11.72
C SER A 153 -1.26 -9.00 -10.34
N ILE A 154 -0.48 -9.18 -9.28
CA ILE A 154 -1.02 -9.03 -7.92
C ILE A 154 -1.59 -7.63 -7.71
N ILE A 155 -0.85 -6.62 -8.15
CA ILE A 155 -1.33 -5.24 -8.07
C ILE A 155 -2.68 -5.04 -8.78
N LEU A 156 -2.80 -5.61 -9.98
CA LEU A 156 -4.03 -5.48 -10.76
C LEU A 156 -5.22 -6.05 -10.00
N LEU A 157 -5.04 -7.24 -9.44
CA LEU A 157 -6.16 -7.94 -8.82
C LEU A 157 -6.44 -7.47 -7.39
N ASN A 158 -5.42 -6.99 -6.71
CA ASN A 158 -5.56 -6.67 -5.30
C ASN A 158 -5.96 -5.24 -5.02
N SER A 159 -5.50 -4.31 -5.85
CA SER A 159 -5.59 -2.91 -5.45
C SER A 159 -7.02 -2.38 -5.34
N GLY A 160 -7.94 -2.94 -6.10
CA GLY A 160 -9.31 -2.51 -6.03
C GLY A 160 -10.27 -3.51 -5.40
N VAL A 161 -9.74 -4.60 -4.86
CA VAL A 161 -10.60 -5.70 -4.40
C VAL A 161 -11.44 -5.38 -3.15
N TYR A 162 -10.99 -4.47 -2.31
CA TYR A 162 -11.76 -4.13 -1.09
C TYR A 162 -12.61 -2.89 -1.29
N THR A 163 -12.55 -2.32 -2.49
CA THR A 163 -13.40 -1.19 -2.83
C THR A 163 -14.55 -1.69 -3.70
N PHE A 164 -14.86 -2.98 -3.54
CA PHE A 164 -16.00 -3.59 -4.22
C PHE A 164 -17.26 -3.46 -3.37
N GLU A 174 -17.65 -12.52 -7.85
CA GLU A 174 -17.14 -13.06 -6.61
C GLU A 174 -15.78 -12.47 -6.26
N LYS A 175 -15.67 -11.92 -5.05
CA LYS A 175 -14.39 -11.47 -4.53
C LYS A 175 -13.58 -12.69 -4.14
N ASP A 176 -14.27 -13.80 -3.88
CA ASP A 176 -13.60 -15.06 -3.60
C ASP A 176 -12.78 -15.52 -4.81
N HIS A 177 -13.31 -15.27 -6.00
CA HIS A 177 -12.62 -15.62 -7.23
C HIS A 177 -11.28 -14.91 -7.35
N ILE A 178 -11.31 -13.60 -7.14
CA ILE A 178 -10.10 -12.79 -7.18
C ILE A 178 -9.08 -13.28 -6.14
N HIS A 179 -9.58 -13.63 -4.96
CA HIS A 179 -8.69 -14.09 -3.89
C HIS A 179 -8.08 -15.46 -4.18
N ARG A 180 -8.84 -16.34 -4.82
CA ARG A 180 -8.30 -17.63 -5.24
C ARG A 180 -7.19 -17.46 -6.29
N VAL A 181 -7.38 -16.52 -7.20
CA VAL A 181 -6.34 -16.24 -8.19
C VAL A 181 -5.11 -15.65 -7.51
N LEU A 182 -5.33 -14.74 -6.57
CA LEU A 182 -4.23 -14.15 -5.81
C LEU A 182 -3.42 -15.24 -5.10
N ASP A 183 -4.12 -16.20 -4.48
CA ASP A 183 -3.46 -17.35 -3.87
C ASP A 183 -2.63 -18.11 -4.90
N LYS A 184 -3.19 -18.27 -6.09
CA LYS A 184 -2.50 -18.98 -7.16
C LYS A 184 -1.20 -18.26 -7.51
N ILE A 185 -1.22 -16.94 -7.49
CA ILE A 185 -0.01 -16.18 -7.82
C ILE A 185 1.02 -16.27 -6.69
N THR A 186 0.54 -16.29 -5.44
CA THR A 186 1.40 -16.55 -4.30
C THR A 186 2.10 -17.91 -4.45
N ASP A 187 1.31 -18.94 -4.77
CA ASP A 187 1.85 -20.27 -5.06
C ASP A 187 2.93 -20.20 -6.14
N THR A 188 2.72 -19.33 -7.12
CA THR A 188 3.62 -19.22 -8.24
C THR A 188 4.91 -18.50 -7.83
N LEU A 189 4.78 -17.45 -7.02
CA LEU A 189 5.96 -16.76 -6.50
C LEU A 189 6.85 -17.69 -5.70
N ILE A 190 6.26 -18.44 -4.77
CA ILE A 190 7.00 -19.43 -3.99
C ILE A 190 7.66 -20.47 -4.89
N HIS A 191 6.90 -20.96 -5.86
CA HIS A 191 7.40 -21.93 -6.83
C HIS A 191 8.64 -21.42 -7.56
N LEU A 192 8.62 -20.14 -7.90
CA LEU A 192 9.75 -19.51 -8.58
C LEU A 192 10.97 -19.42 -7.67
N MET A 193 10.72 -19.09 -6.42
CA MET A 193 11.75 -18.98 -5.40
C MET A 193 12.41 -20.29 -5.00
N ALA A 194 11.59 -21.30 -4.89
CA ALA A 194 12.08 -22.62 -4.53
C ALA A 194 13.05 -23.15 -5.59
N LYS A 195 12.71 -22.96 -6.86
CA LYS A 195 13.54 -23.49 -7.93
C LYS A 195 14.71 -22.55 -8.24
N ALA A 196 14.72 -21.40 -7.59
CA ALA A 196 15.90 -20.54 -7.61
C ALA A 196 16.86 -21.00 -6.53
N GLY A 197 16.42 -21.94 -5.71
CA GLY A 197 17.28 -22.58 -4.73
C GLY A 197 17.15 -22.08 -3.30
N LEU A 198 16.24 -21.15 -3.06
CA LEU A 198 16.09 -20.55 -1.74
C LEU A 198 15.56 -21.56 -0.72
N THR A 199 16.02 -21.44 0.52
CA THR A 199 15.54 -22.30 1.60
C THR A 199 14.12 -21.90 1.99
N LEU A 200 13.49 -22.72 2.82
CA LEU A 200 12.12 -22.46 3.26
C LEU A 200 12.00 -21.11 3.96
N GLN A 201 12.97 -20.80 4.82
CA GLN A 201 12.98 -19.52 5.52
C GLN A 201 13.20 -18.37 4.55
N GLN A 202 14.16 -18.53 3.65
CA GLN A 202 14.43 -17.51 2.64
C GLN A 202 13.21 -17.29 1.75
N GLN A 203 12.45 -18.37 1.52
CA GLN A 203 11.26 -18.28 0.69
C GLN A 203 10.19 -17.35 1.26
N HIS A 204 9.74 -17.60 2.48
CA HIS A 204 8.68 -16.75 3.00
C HIS A 204 9.23 -15.35 3.29
N GLN A 205 10.52 -15.27 3.60
CA GLN A 205 11.14 -13.97 3.87
C GLN A 205 11.17 -13.07 2.64
N ARG A 206 11.51 -13.63 1.49
CA ARG A 206 11.54 -12.82 0.27
C ARG A 206 10.11 -12.50 -0.19
N LEU A 207 9.20 -13.45 0.00
CA LEU A 207 7.79 -13.22 -0.34
C LEU A 207 7.29 -11.98 0.40
N ALA A 208 7.58 -11.92 1.69
CA ALA A 208 7.14 -10.80 2.51
C ALA A 208 7.80 -9.51 2.04
N GLN A 209 9.09 -9.59 1.76
CA GLN A 209 9.86 -8.42 1.32
C GLN A 209 9.24 -7.82 0.07
N LEU A 210 8.91 -8.68 -0.89
CA LEU A 210 8.31 -8.21 -2.14
C LEU A 210 6.94 -7.60 -1.92
N LEU A 211 6.10 -8.25 -1.12
CA LEU A 211 4.74 -7.76 -0.93
C LEU A 211 4.70 -6.45 -0.15
N LEU A 212 5.66 -6.24 0.74
CA LEU A 212 5.72 -4.98 1.48
C LEU A 212 6.09 -3.83 0.55
N ILE A 213 6.88 -4.11 -0.49
CA ILE A 213 7.22 -3.08 -1.45
C ILE A 213 5.96 -2.61 -2.18
N LEU A 214 4.98 -3.50 -2.29
CA LEU A 214 3.72 -3.14 -2.93
C LEU A 214 2.97 -2.05 -2.16
N SER A 215 3.15 -1.96 -0.84
CA SER A 215 2.49 -0.92 -0.07
C SER A 215 3.13 0.43 -0.40
N HIS A 216 4.42 0.40 -0.68
CA HIS A 216 5.14 1.61 -1.08
CA HIS A 216 5.11 1.63 -1.06
C HIS A 216 4.74 2.04 -2.49
N ILE A 217 4.55 1.06 -3.36
CA ILE A 217 4.07 1.35 -4.71
C ILE A 217 2.67 1.97 -4.62
N ARG A 218 1.85 1.50 -3.71
CA ARG A 218 0.56 2.12 -3.49
C ARG A 218 0.72 3.55 -3.03
N HIS A 219 1.64 3.75 -2.11
CA HIS A 219 1.89 5.09 -1.60
C HIS A 219 2.33 6.05 -2.70
N MET A 220 3.23 5.59 -3.56
CA MET A 220 3.71 6.41 -4.67
C MET A 220 2.58 6.78 -5.63
N SER A 221 1.70 5.81 -5.91
CA SER A 221 0.56 6.06 -6.78
C SER A 221 -0.38 7.10 -6.20
N ASN A 222 -0.65 6.99 -4.90
CA ASN A 222 -1.53 7.95 -4.25
C ASN A 222 -1.00 9.36 -4.36
N LYS A 223 0.29 9.53 -4.08
CA LYS A 223 0.92 10.84 -4.19
C LYS A 223 0.95 11.31 -5.63
N GLY A 224 1.07 10.36 -6.53
CA GLY A 224 1.11 10.65 -7.96
C GLY A 224 -0.23 11.11 -8.50
N MET A 225 -1.30 10.48 -8.03
CA MET A 225 -2.66 10.86 -8.45
C MET A 225 -2.98 12.27 -8.03
N GLU A 226 -2.62 12.62 -6.79
CA GLU A 226 -2.74 13.99 -6.31
C GLU A 226 -2.11 14.98 -7.26
N HIS A 227 -0.87 14.67 -7.65
CA HIS A 227 -0.09 15.54 -8.51
C HIS A 227 -0.77 15.72 -9.86
N LEU A 228 -1.21 14.60 -10.44
CA LEU A 228 -1.90 14.64 -11.73
C LEU A 228 -3.21 15.40 -11.63
N TYR A 229 -3.85 15.32 -10.47
CA TYR A 229 -5.09 16.06 -10.24
C TYR A 229 -4.84 17.55 -10.19
N SER A 230 -3.73 17.93 -9.55
CA SER A 230 -3.35 19.34 -9.47
C SER A 230 -2.98 19.87 -10.85
N MET A 231 -2.31 19.02 -11.63
CA MET A 231 -1.93 19.38 -12.99
C MET A 231 -3.18 19.62 -13.86
N LYS A 232 -4.18 18.76 -13.66
CA LYS A 232 -5.45 18.90 -14.35
C LYS A 232 -6.08 20.26 -14.07
N CYS A 233 -6.08 20.67 -12.81
CA CYS A 233 -6.63 21.96 -12.42
C CYS A 233 -5.76 23.12 -12.86
N LYS A 234 -4.44 22.94 -12.80
CA LYS A 234 -3.51 23.97 -13.27
C LYS A 234 -3.59 24.11 -14.78
N ASN A 235 -4.10 23.06 -15.43
CA ASN A 235 -4.32 23.06 -16.88
C ASN A 235 -3.05 23.42 -17.66
N VAL A 236 -1.91 22.91 -17.19
CA VAL A 236 -0.64 23.19 -17.84
C VAL A 236 -0.53 22.42 -19.16
N VAL A 237 -1.10 21.21 -19.18
CA VAL A 237 -1.12 20.39 -20.39
C VAL A 237 -2.50 19.75 -20.53
N PRO A 238 -3.07 19.81 -21.75
CA PRO A 238 -4.34 19.11 -21.98
C PRO A 238 -4.19 17.60 -21.82
N LEU A 239 -5.01 17.02 -20.96
CA LEU A 239 -4.99 15.57 -20.73
C LEU A 239 -5.94 14.88 -21.69
N SER A 240 -5.64 13.62 -22.01
CA SER A 240 -6.50 12.85 -22.89
C SER A 240 -7.79 12.53 -22.16
N ASP A 241 -8.85 12.29 -22.92
CA ASP A 241 -10.14 11.93 -22.32
C ASP A 241 -10.03 10.61 -21.56
N LEU A 242 -9.17 9.72 -22.05
CA LEU A 242 -8.92 8.46 -21.34
C LEU A 242 -8.22 8.68 -20.01
N LEU A 243 -7.17 9.51 -20.02
CA LEU A 243 -6.44 9.79 -18.79
C LEU A 243 -7.32 10.51 -17.78
N LEU A 244 -8.13 11.44 -18.26
CA LEU A 244 -9.06 12.14 -17.37
C LEU A 244 -10.02 11.16 -16.70
N GLU A 245 -10.52 10.20 -17.47
CA GLU A 245 -11.43 9.20 -16.94
C GLU A 245 -10.76 8.31 -15.92
N MET A 246 -9.53 7.87 -16.19
CA MET A 246 -8.76 7.08 -15.24
C MET A 246 -8.49 7.89 -13.97
N LEU A 247 -8.27 9.19 -14.15
CA LEU A 247 -7.96 10.09 -13.04
C LEU A 247 -9.19 10.43 -12.21
N ASP A 248 -10.28 10.78 -12.90
CA ASP A 248 -11.54 11.14 -12.25
CA ASP A 248 -11.53 11.15 -12.22
C ASP A 248 -12.03 10.07 -11.29
N ALA A 249 -11.68 8.81 -11.58
CA ALA A 249 -12.09 7.69 -10.76
C ALA A 249 -11.48 7.72 -9.36
N HIS A 250 -10.43 8.52 -9.19
CA HIS A 250 -9.75 8.62 -7.90
C HIS A 250 -10.10 9.90 -7.15
N ARG A 251 -10.98 10.72 -7.72
CA ARG A 251 -11.32 12.01 -7.11
C ARG A 251 -12.16 11.81 -5.86
N SER B 8 19.50 -5.29 18.44
CA SER B 8 20.36 -6.44 18.69
C SER B 8 19.68 -7.45 19.59
N LEU B 9 18.93 -6.94 20.57
CA LEU B 9 18.14 -7.80 21.45
C LEU B 9 16.97 -8.38 20.67
N ALA B 10 16.59 -7.68 19.60
CA ALA B 10 15.47 -8.09 18.77
C ALA B 10 15.81 -9.31 17.93
N LEU B 11 17.08 -9.44 17.56
CA LEU B 11 17.51 -10.50 16.65
C LEU B 11 17.66 -11.85 17.35
N SER B 12 17.65 -11.84 18.68
CA SER B 12 17.88 -13.06 19.45
C SER B 12 16.58 -13.67 19.98
N LEU B 13 15.47 -12.95 19.78
CA LEU B 13 14.17 -13.42 20.23
C LEU B 13 13.70 -14.62 19.42
N THR B 14 13.23 -15.67 20.09
CA THR B 14 12.51 -16.72 19.40
C THR B 14 11.15 -16.16 18.97
N ALA B 15 10.43 -16.88 18.12
CA ALA B 15 9.14 -16.39 17.64
C ALA B 15 8.13 -16.28 18.78
N ASP B 16 8.15 -17.25 19.70
CA ASP B 16 7.27 -17.21 20.86
C ASP B 16 7.59 -16.01 21.74
N GLN B 17 8.88 -15.70 21.86
CA GLN B 17 9.30 -14.54 22.65
C GLN B 17 8.91 -13.23 21.98
N MET B 18 8.98 -13.21 20.65
CA MET B 18 8.56 -12.03 19.89
C MET B 18 7.07 -11.76 20.12
N VAL B 19 6.25 -12.80 19.98
CA VAL B 19 4.81 -12.69 20.21
C VAL B 19 4.51 -12.22 21.64
N SER B 20 5.17 -12.84 22.61
CA SER B 20 5.04 -12.44 24.01
C SER B 20 5.35 -10.96 24.20
N ALA B 21 6.42 -10.49 23.57
CA ALA B 21 6.86 -9.10 23.71
C ALA B 21 5.84 -8.12 23.12
N LEU B 22 5.34 -8.44 21.94
CA LEU B 22 4.36 -7.57 21.27
C LEU B 22 3.05 -7.53 22.04
N LEU B 23 2.60 -8.68 22.50
CA LEU B 23 1.37 -8.76 23.28
C LEU B 23 1.47 -7.95 24.57
N ASP B 24 2.61 -8.05 25.24
CA ASP B 24 2.81 -7.30 26.48
C ASP B 24 2.85 -5.80 26.23
N ALA B 25 3.26 -5.42 25.02
CA ALA B 25 3.45 -4.01 24.69
C ALA B 25 2.15 -3.32 24.29
N GLU B 26 1.07 -4.10 24.13
CA GLU B 26 -0.17 -3.57 23.58
C GLU B 26 -0.71 -2.39 24.38
N PRO B 27 -1.08 -1.31 23.70
CA PRO B 27 -1.69 -0.16 24.38
C PRO B 27 -3.08 -0.51 24.84
N PRO B 28 -3.63 0.27 25.80
CA PRO B 28 -4.99 -0.01 26.25
C PRO B 28 -6.01 0.56 25.29
N ILE B 29 -7.25 0.11 25.40
CA ILE B 29 -8.31 0.67 24.59
C ILE B 29 -8.91 1.87 25.32
N LEU B 30 -8.81 3.04 24.71
CA LEU B 30 -9.22 4.27 25.37
C LEU B 30 -10.70 4.59 25.18
N TYR B 31 -11.28 5.32 26.13
CA TYR B 31 -12.66 5.74 26.00
C TYR B 31 -12.74 7.10 25.33
N SER B 32 -13.86 7.37 24.67
CA SER B 32 -14.11 8.68 24.11
C SER B 32 -14.93 9.49 25.10
N GLU B 33 -15.22 10.73 24.76
CA GLU B 33 -16.05 11.58 25.61
C GLU B 33 -17.48 11.60 25.10
N TYR B 34 -17.84 10.59 24.31
CA TYR B 34 -19.16 10.53 23.70
C TYR B 34 -20.27 10.47 24.73
N ASP B 35 -21.28 11.32 24.54
CA ASP B 35 -22.45 11.36 25.39
C ASP B 35 -23.69 11.10 24.53
N PRO B 36 -24.34 9.98 24.75
CA PRO B 36 -25.46 9.55 23.91
C PRO B 36 -26.65 10.49 23.97
N THR B 37 -26.85 11.11 25.10
CA THR B 37 -27.76 12.22 25.16
C THR B 37 -27.25 13.37 24.33
N ARG B 38 -25.96 13.66 24.43
CA ARG B 38 -25.49 14.95 23.93
C ARG B 38 -25.73 14.97 22.46
N PRO B 39 -26.23 16.17 21.97
CA PRO B 39 -26.29 16.30 20.51
C PRO B 39 -24.98 16.55 19.76
N PHE B 40 -25.09 16.35 18.46
CA PHE B 40 -24.12 15.71 17.60
C PHE B 40 -23.89 16.59 16.37
N SER B 41 -22.69 17.09 16.15
CA SER B 41 -22.42 17.91 14.99
C SER B 41 -21.23 17.38 14.22
N GLU B 42 -21.11 17.77 12.97
CA GLU B 42 -19.90 17.46 12.22
C GLU B 42 -18.67 17.83 13.04
N ALA B 43 -18.67 19.03 13.60
CA ALA B 43 -17.57 19.54 14.38
C ALA B 43 -17.37 18.74 15.66
N SER B 44 -18.47 18.43 16.34
CA SER B 44 -18.40 17.72 17.62
C SER B 44 -17.93 16.29 17.43
N MET B 45 -18.42 15.65 16.37
CA MET B 45 -18.00 14.29 16.04
C MET B 45 -16.50 14.25 15.77
N MET B 46 -16.03 15.17 14.94
CA MET B 46 -14.60 15.27 14.65
C MET B 46 -13.84 15.66 15.91
N GLY B 47 -14.46 16.49 16.74
CA GLY B 47 -13.91 16.85 18.03
C GLY B 47 -13.61 15.65 18.90
N LEU B 48 -14.63 14.81 19.12
CA LEU B 48 -14.46 13.56 19.86
C LEU B 48 -13.33 12.69 19.31
N LEU B 49 -13.34 12.47 18.00
CA LEU B 49 -12.35 11.60 17.37
C LEU B 49 -10.94 12.19 17.49
N THR B 50 -10.85 13.51 17.33
CA THR B 50 -9.56 14.19 17.50
C THR B 50 -9.06 14.05 18.93
N ASN B 51 -9.94 14.27 19.90
CA ASN B 51 -9.60 14.11 21.31
C ASN B 51 -9.09 12.69 21.56
N LEU B 52 -9.77 11.71 21.00
CA LEU B 52 -9.41 10.31 21.16
C LEU B 52 -8.07 9.97 20.50
N ALA B 53 -7.93 10.32 19.23
CA ALA B 53 -6.72 10.01 18.47
C ALA B 53 -5.50 10.61 19.16
N ASP B 54 -5.64 11.84 19.62
CA ASP B 54 -4.56 12.54 20.34
C ASP B 54 -4.09 11.77 21.58
N ARG B 55 -5.03 11.30 22.39
CA ARG B 55 -4.65 10.50 23.56
C ARG B 55 -4.06 9.16 23.12
N GLU B 56 -4.59 8.59 22.05
CA GLU B 56 -4.06 7.34 21.55
C GLU B 56 -2.64 7.49 21.06
N LEU B 57 -2.34 8.64 20.47
CA LEU B 57 -0.99 8.91 19.98
C LEU B 57 0.04 8.83 21.09
N VAL B 58 -0.32 9.32 22.27
CA VAL B 58 0.60 9.25 23.39
C VAL B 58 0.97 7.79 23.71
N HIS B 59 -0.03 6.94 23.77
CA HIS B 59 0.19 5.54 24.01
C HIS B 59 0.96 4.87 22.91
N MET B 60 0.68 5.26 21.68
CA MET B 60 1.35 4.69 20.52
C MET B 60 2.85 4.99 20.57
N ILE B 61 3.19 6.22 20.94
CA ILE B 61 4.59 6.61 21.04
C ILE B 61 5.31 5.70 22.03
N ASN B 62 4.69 5.46 23.17
CA ASN B 62 5.35 4.65 24.18
C ASN B 62 5.27 3.15 23.84
N TRP B 63 4.26 2.77 23.05
CA TRP B 63 4.20 1.42 22.49
C TRP B 63 5.33 1.18 21.50
N ALA B 64 5.59 2.17 20.66
CA ALA B 64 6.62 2.05 19.62
C ALA B 64 7.98 1.74 20.24
N LYS B 65 8.27 2.37 21.38
CA LYS B 65 9.55 2.16 22.06
C LYS B 65 9.72 0.71 22.52
N ARG B 66 8.61 -0.01 22.62
CA ARG B 66 8.65 -1.40 23.06
C ARG B 66 8.64 -2.39 21.90
N VAL B 67 8.49 -1.89 20.68
CA VAL B 67 8.59 -2.74 19.51
C VAL B 67 10.06 -3.09 19.31
N PRO B 68 10.40 -4.39 19.36
CA PRO B 68 11.80 -4.84 19.24
C PRO B 68 12.51 -4.22 18.04
N GLY B 69 13.65 -3.60 18.30
CA GLY B 69 14.43 -2.97 17.24
C GLY B 69 14.27 -1.47 17.17
N PHE B 70 13.12 -0.97 17.61
CA PHE B 70 12.79 0.45 17.47
C PHE B 70 13.72 1.37 18.27
N VAL B 71 14.13 0.94 19.47
CA VAL B 71 15.01 1.78 20.28
C VAL B 71 16.45 1.77 19.76
N ASP B 72 16.73 0.92 18.78
CA ASP B 72 18.06 0.85 18.18
C ASP B 72 18.25 1.94 17.14
N LEU B 73 17.18 2.67 16.84
CA LEU B 73 17.22 3.72 15.83
C LEU B 73 17.46 5.09 16.47
N THR B 74 18.00 6.02 15.70
CA THR B 74 18.17 7.40 16.17
C THR B 74 16.80 8.01 16.45
N LEU B 75 16.77 9.01 17.32
CA LEU B 75 15.60 9.83 17.55
C LEU B 75 15.01 10.30 16.23
N HIS B 76 15.89 10.72 15.32
CA HIS B 76 15.51 11.15 13.98
C HIS B 76 14.69 10.10 13.24
N ASP B 77 15.22 8.88 13.16
CA ASP B 77 14.56 7.81 12.42
C ASP B 77 13.28 7.34 13.12
N GLN B 78 13.26 7.37 14.44
CA GLN B 78 12.05 7.03 15.17
C GLN B 78 10.94 8.02 14.83
N VAL B 79 11.29 9.30 14.78
CA VAL B 79 10.33 10.36 14.50
C VAL B 79 9.74 10.16 13.10
N HIS B 80 10.60 9.86 12.15
CA HIS B 80 10.19 9.68 10.76
C HIS B 80 9.21 8.51 10.62
N LEU B 81 9.55 7.37 11.20
CA LEU B 81 8.68 6.20 11.15
C LEU B 81 7.30 6.49 11.74
N LEU B 82 7.25 7.13 12.90
CA LEU B 82 5.96 7.41 13.51
C LEU B 82 5.16 8.43 12.69
N GLU B 83 5.85 9.46 12.20
CA GLU B 83 5.21 10.44 11.33
C GLU B 83 4.56 9.77 10.13
N CYS B 84 5.27 8.80 9.55
CA CYS B 84 4.77 8.08 8.38
C CYS B 84 3.60 7.14 8.69
N ALA B 85 3.66 6.50 9.85
CA ALA B 85 2.79 5.34 10.11
C ALA B 85 1.61 5.58 11.05
N TRP B 86 1.56 6.72 11.75
CA TRP B 86 0.63 6.84 12.90
C TRP B 86 -0.83 6.63 12.51
N LEU B 87 -1.24 7.14 11.35
CA LEU B 87 -2.64 7.01 10.97
C LEU B 87 -2.95 5.58 10.58
N GLU B 88 -2.07 4.95 9.79
CA GLU B 88 -2.17 3.52 9.51
C GLU B 88 -2.32 2.69 10.77
N ILE B 89 -1.54 3.05 11.79
CA ILE B 89 -1.54 2.28 13.03
C ILE B 89 -2.84 2.51 13.81
N LEU B 90 -3.32 3.75 13.86
CA LEU B 90 -4.63 4.01 14.49
C LEU B 90 -5.72 3.25 13.71
N MET B 91 -5.59 3.23 12.40
CA MET B 91 -6.60 2.59 11.57
C MET B 91 -6.62 1.08 11.75
N ILE B 92 -5.46 0.43 11.80
CA ILE B 92 -5.48 -1.02 11.94
C ILE B 92 -5.98 -1.40 13.33
N GLY B 93 -5.69 -0.56 14.31
CA GLY B 93 -6.21 -0.78 15.66
C GLY B 93 -7.72 -0.72 15.65
N LEU B 94 -8.26 0.29 14.98
CA LEU B 94 -9.70 0.47 14.87
C LEU B 94 -10.36 -0.71 14.17
N VAL B 95 -9.75 -1.15 13.08
CA VAL B 95 -10.30 -2.26 12.33
C VAL B 95 -10.27 -3.55 13.16
N TRP B 96 -9.22 -3.74 13.95
CA TRP B 96 -9.12 -4.89 14.82
C TRP B 96 -10.22 -4.94 15.88
N ARG B 97 -10.42 -3.84 16.59
CA ARG B 97 -11.41 -3.87 17.68
C ARG B 97 -12.84 -3.79 17.12
N SER B 98 -12.98 -3.56 15.83
CA SER B 98 -14.30 -3.52 15.19
C SER B 98 -14.69 -4.86 14.54
N MET B 99 -13.82 -5.85 14.65
CA MET B 99 -14.02 -7.14 13.98
C MET B 99 -15.33 -7.83 14.38
N GLU B 100 -15.68 -7.80 15.67
CA GLU B 100 -16.87 -8.49 16.14
C GLU B 100 -18.12 -7.62 16.07
N HIS B 101 -18.03 -6.51 15.33
CA HIS B 101 -19.16 -5.62 15.16
C HIS B 101 -19.44 -5.35 13.69
N PRO B 102 -20.04 -6.33 12.98
CA PRO B 102 -20.34 -6.20 11.55
C PRO B 102 -21.07 -4.90 11.23
N GLY B 103 -20.59 -4.20 10.21
CA GLY B 103 -21.23 -2.98 9.76
C GLY B 103 -20.99 -1.76 10.65
N LYS B 104 -20.18 -1.92 11.70
CA LYS B 104 -19.92 -0.82 12.61
C LYS B 104 -18.43 -0.65 12.91
N LEU B 105 -18.05 0.57 13.29
CA LEU B 105 -16.68 0.85 13.72
C LEU B 105 -16.64 1.19 15.19
N LEU B 106 -15.88 0.41 15.94
CA LEU B 106 -15.76 0.61 17.39
C LEU B 106 -14.60 1.56 17.68
N PHE B 107 -14.86 2.85 17.57
CA PHE B 107 -13.83 3.85 17.81
C PHE B 107 -13.43 3.79 19.27
N ALA B 108 -14.41 3.61 20.14
CA ALA B 108 -14.16 3.43 21.56
C ALA B 108 -15.25 2.52 22.11
N PRO B 109 -15.04 1.90 23.29
CA PRO B 109 -16.09 1.03 23.82
C PRO B 109 -17.43 1.75 23.95
N ASN B 110 -17.39 3.07 24.14
CA ASN B 110 -18.61 3.86 24.27
C ASN B 110 -18.87 4.68 23.01
N LEU B 111 -18.24 4.29 21.91
CA LEU B 111 -18.40 5.00 20.64
C LEU B 111 -18.41 4.00 19.47
N LEU B 112 -19.60 3.49 19.17
CA LEU B 112 -19.78 2.53 18.09
C LEU B 112 -20.68 3.14 17.01
N LEU B 113 -20.13 3.29 15.81
CA LEU B 113 -20.83 3.95 14.71
C LEU B 113 -20.92 3.07 13.47
N ASP B 114 -22.04 3.14 12.75
CA ASP B 114 -22.07 2.56 11.41
C ASP B 114 -21.81 3.70 10.42
N ARG B 115 -22.03 3.46 9.14
CA ARG B 115 -21.71 4.47 8.13
C ARG B 115 -22.70 5.64 8.14
N ASN B 116 -23.62 5.63 9.09
CA ASN B 116 -24.62 6.69 9.23
C ASN B 116 -24.00 8.05 9.54
N GLN B 117 -23.45 8.20 10.75
CA GLN B 117 -22.89 9.46 11.19
C GLN B 117 -21.43 9.58 10.76
N GLY B 118 -21.02 8.69 9.86
CA GLY B 118 -19.75 8.84 9.18
C GLY B 118 -19.95 9.90 8.11
N LYS B 119 -21.20 10.01 7.67
CA LYS B 119 -21.59 11.03 6.70
C LYS B 119 -21.83 12.37 7.40
N CYS B 120 -21.71 12.36 8.72
CA CYS B 120 -21.80 13.61 9.49
C CYS B 120 -20.61 14.48 9.14
N VAL B 121 -19.56 13.86 8.60
CA VAL B 121 -18.38 14.56 8.12
C VAL B 121 -18.24 14.37 6.62
N GLU B 122 -17.89 15.45 5.92
CA GLU B 122 -17.75 15.41 4.48
C GLU B 122 -16.59 14.52 4.04
N GLY B 123 -16.90 13.43 3.35
CA GLY B 123 -15.89 12.57 2.78
C GLY B 123 -15.36 11.49 3.72
N MET B 124 -15.68 11.60 5.00
CA MET B 124 -15.25 10.60 5.97
C MET B 124 -15.97 9.28 5.68
N VAL B 125 -17.15 9.38 5.07
CA VAL B 125 -17.93 8.21 4.70
C VAL B 125 -17.13 7.30 3.77
N GLU B 126 -16.36 7.90 2.87
CA GLU B 126 -15.49 7.12 1.99
C GLU B 126 -14.49 6.30 2.80
N ILE B 127 -13.80 6.94 3.72
CA ILE B 127 -12.84 6.26 4.57
C ILE B 127 -13.55 5.24 5.44
N PHE B 128 -14.74 5.60 5.92
CA PHE B 128 -15.53 4.72 6.77
CA PHE B 128 -15.55 4.73 6.76
C PHE B 128 -15.80 3.38 6.08
N ASP B 129 -16.26 3.45 4.82
CA ASP B 129 -16.57 2.24 4.08
C ASP B 129 -15.33 1.39 3.88
N MET B 130 -14.20 2.03 3.61
CA MET B 130 -12.94 1.32 3.45
C MET B 130 -12.50 0.63 4.74
N LEU B 131 -12.67 1.32 5.87
CA LEU B 131 -12.34 0.72 7.15
C LEU B 131 -13.26 -0.46 7.44
N LEU B 132 -14.55 -0.30 7.13
CA LEU B 132 -15.53 -1.38 7.31
C LEU B 132 -15.15 -2.61 6.48
N ALA B 133 -14.78 -2.39 5.23
CA ALA B 133 -14.36 -3.48 4.35
C ALA B 133 -13.14 -4.20 4.90
N THR B 134 -12.21 -3.46 5.51
CA THR B 134 -11.01 -4.07 6.06
C THR B 134 -11.37 -4.95 7.26
N SER B 135 -12.26 -4.43 8.09
CA SER B 135 -12.74 -5.17 9.25
C SER B 135 -13.45 -6.44 8.80
N SER B 136 -14.25 -6.33 7.74
CA SER B 136 -14.93 -7.48 7.15
C SER B 136 -13.92 -8.52 6.68
N ARG B 137 -12.85 -8.04 6.07
CA ARG B 137 -11.79 -8.93 5.56
C ARG B 137 -11.08 -9.65 6.70
N PHE B 138 -10.73 -8.92 7.77
CA PHE B 138 -10.10 -9.53 8.94
C PHE B 138 -11.02 -10.59 9.54
N ARG B 139 -12.30 -10.28 9.63
CA ARG B 139 -13.27 -11.20 10.19
C ARG B 139 -13.39 -12.46 9.35
N MET B 140 -13.46 -12.27 8.04
CA MET B 140 -13.49 -13.39 7.10
C MET B 140 -12.29 -14.32 7.27
N MET B 141 -11.10 -13.73 7.42
CA MET B 141 -9.87 -14.50 7.55
C MET B 141 -9.67 -15.05 8.95
N ASN B 142 -10.54 -14.66 9.87
CA ASN B 142 -10.41 -15.00 11.28
C ASN B 142 -9.04 -14.60 11.82
N LEU B 143 -8.69 -13.32 11.64
CA LEU B 143 -7.40 -12.80 12.07
C LEU B 143 -7.21 -12.99 13.58
N GLN B 144 -6.06 -13.52 13.98
CA GLN B 144 -5.77 -13.77 15.39
C GLN B 144 -5.02 -12.59 16.01
N GLY B 145 -5.18 -12.44 17.33
CA GLY B 145 -4.50 -11.37 18.06
C GLY B 145 -3.00 -11.37 17.87
N GLU B 146 -2.41 -12.56 17.86
CA GLU B 146 -0.98 -12.70 17.67
C GLU B 146 -0.55 -12.22 16.28
N GLU B 147 -1.41 -12.45 15.29
CA GLU B 147 -1.15 -12.01 13.93
C GLU B 147 -1.28 -10.50 13.82
N PHE B 148 -2.31 -9.97 14.45
CA PHE B 148 -2.55 -8.52 14.48
C PHE B 148 -1.37 -7.73 15.02
N VAL B 149 -0.83 -8.10 16.18
CA VAL B 149 0.28 -7.34 16.74
C VAL B 149 1.52 -7.42 15.83
N CYS B 150 1.68 -8.53 15.12
CA CYS B 150 2.77 -8.65 14.15
C CYS B 150 2.58 -7.65 13.03
N LEU B 151 1.36 -7.59 12.50
CA LEU B 151 1.03 -6.70 11.40
C LEU B 151 1.24 -5.25 11.78
N LYS B 152 0.81 -4.90 12.99
CA LYS B 152 0.92 -3.52 13.45
C LYS B 152 2.38 -3.09 13.55
N SER B 153 3.23 -3.99 14.03
CA SER B 153 4.66 -3.71 14.16
C SER B 153 5.31 -3.58 12.79
N ILE B 154 4.86 -4.40 11.84
CA ILE B 154 5.36 -4.31 10.46
C ILE B 154 5.06 -2.92 9.89
N ILE B 155 3.87 -2.41 10.14
CA ILE B 155 3.48 -1.11 9.62
C ILE B 155 4.41 -0.04 10.16
N LEU B 156 4.67 -0.10 11.46
CA LEU B 156 5.58 0.86 12.11
C LEU B 156 6.95 0.85 11.45
N LEU B 157 7.49 -0.35 11.22
CA LEU B 157 8.85 -0.47 10.71
C LEU B 157 8.94 -0.24 9.20
N ASN B 158 7.86 -0.57 8.49
CA ASN B 158 7.89 -0.55 7.02
C ASN B 158 7.48 0.76 6.37
N SER B 159 6.49 1.45 6.93
CA SER B 159 5.86 2.56 6.19
C SER B 159 6.81 3.71 5.84
N GLY B 160 7.79 3.97 6.71
CA GLY B 160 8.72 5.03 6.45
C GLY B 160 10.09 4.57 6.00
N VAL B 161 10.27 3.26 5.89
CA VAL B 161 11.59 2.69 5.66
C VAL B 161 12.20 3.11 4.31
N TYR B 162 11.36 3.46 3.34
CA TYR B 162 11.81 3.88 2.00
C TYR B 162 11.73 5.36 1.89
N THR B 163 12.13 6.03 2.95
CA THR B 163 11.55 7.28 3.33
C THR B 163 10.30 7.72 2.59
N GLU B 173 24.06 0.79 7.40
CA GLU B 173 22.84 1.55 7.62
C GLU B 173 21.92 0.89 8.64
N GLU B 174 21.05 1.69 9.25
CA GLU B 174 20.08 1.16 10.19
C GLU B 174 18.82 0.76 9.44
N LYS B 175 18.81 1.02 8.14
CA LYS B 175 17.72 0.60 7.27
C LYS B 175 17.77 -0.91 7.09
N ASP B 176 18.98 -1.47 7.11
CA ASP B 176 19.16 -2.91 6.97
C ASP B 176 18.83 -3.63 8.27
N HIS B 177 19.10 -2.97 9.39
CA HIS B 177 18.74 -3.52 10.69
C HIS B 177 17.22 -3.63 10.79
N ILE B 178 16.54 -2.65 10.23
CA ILE B 178 15.08 -2.65 10.19
C ILE B 178 14.56 -3.79 9.32
N HIS B 179 15.23 -4.04 8.20
CA HIS B 179 14.83 -5.13 7.32
C HIS B 179 15.04 -6.48 8.00
N ARG B 180 16.06 -6.58 8.84
CA ARG B 180 16.32 -7.81 9.58
C ARG B 180 15.26 -8.05 10.65
N VAL B 181 14.80 -6.98 11.28
CA VAL B 181 13.72 -7.09 12.26
C VAL B 181 12.43 -7.47 11.55
N LEU B 182 12.17 -6.84 10.41
CA LEU B 182 11.01 -7.18 9.60
C LEU B 182 11.01 -8.65 9.19
N ASP B 183 12.18 -9.15 8.80
CA ASP B 183 12.33 -10.57 8.48
C ASP B 183 11.99 -11.46 9.68
N LYS B 184 12.36 -10.99 10.86
CA LYS B 184 12.10 -11.72 12.10
C LYS B 184 10.60 -11.81 12.35
N ILE B 185 9.89 -10.71 12.08
CA ILE B 185 8.45 -10.67 12.26
C ILE B 185 7.78 -11.58 11.24
N THR B 186 8.33 -11.63 10.03
CA THR B 186 7.83 -12.57 9.03
C THR B 186 7.97 -14.01 9.52
N ASP B 187 9.14 -14.34 10.08
CA ASP B 187 9.37 -15.67 10.65
C ASP B 187 8.34 -15.98 11.72
N THR B 188 7.98 -14.95 12.48
CA THR B 188 7.08 -15.09 13.61
C THR B 188 5.66 -15.36 13.13
N LEU B 189 5.26 -14.66 12.07
CA LEU B 189 3.95 -14.89 11.46
C LEU B 189 3.81 -16.32 10.94
N ILE B 190 4.82 -16.79 10.22
CA ILE B 190 4.85 -18.16 9.71
C ILE B 190 4.76 -19.18 10.85
N HIS B 191 5.52 -18.96 11.92
CA HIS B 191 5.52 -19.87 13.07
C HIS B 191 4.14 -19.98 13.69
N LEU B 192 3.46 -18.85 13.80
CA LEU B 192 2.09 -18.81 14.34
C LEU B 192 1.13 -19.65 13.49
N MET B 193 1.31 -19.57 12.18
CA MET B 193 0.42 -20.26 11.24
C MET B 193 0.68 -21.75 11.20
N ALA B 194 1.96 -22.12 11.30
CA ALA B 194 2.32 -23.53 11.36
C ALA B 194 1.74 -24.18 12.61
N LYS B 195 1.64 -23.40 13.67
CA LYS B 195 1.12 -23.90 14.94
C LYS B 195 -0.39 -24.09 14.86
N ALA B 196 -1.05 -23.28 14.05
CA ALA B 196 -2.50 -23.37 13.86
C ALA B 196 -2.89 -24.49 12.91
N GLY B 197 -1.90 -25.26 12.44
CA GLY B 197 -2.16 -26.44 11.65
C GLY B 197 -2.20 -26.20 10.14
N LEU B 198 -1.87 -24.99 9.71
CA LEU B 198 -1.86 -24.67 8.29
C LEU B 198 -0.74 -25.43 7.60
N THR B 199 -1.02 -25.98 6.41
CA THR B 199 0.02 -26.58 5.59
C THR B 199 0.97 -25.49 5.12
N LEU B 200 2.16 -25.88 4.68
CA LEU B 200 3.14 -24.92 4.21
C LEU B 200 2.56 -24.03 3.12
N GLN B 201 1.80 -24.63 2.20
CA GLN B 201 1.14 -23.88 1.15
C GLN B 201 0.16 -22.86 1.73
N GLN B 202 -0.60 -23.29 2.73
CA GLN B 202 -1.58 -22.43 3.37
C GLN B 202 -0.90 -21.30 4.16
N GLN B 203 0.27 -21.58 4.73
CA GLN B 203 1.04 -20.57 5.46
C GLN B 203 1.48 -19.43 4.54
N HIS B 204 2.06 -19.78 3.40
CA HIS B 204 2.52 -18.78 2.45
C HIS B 204 1.36 -17.97 1.92
N GLN B 205 0.25 -18.65 1.64
CA GLN B 205 -0.95 -17.99 1.13
C GLN B 205 -1.52 -16.99 2.15
N ARG B 206 -1.62 -17.41 3.40
CA ARG B 206 -2.16 -16.54 4.44
C ARG B 206 -1.23 -15.35 4.69
N LEU B 207 0.07 -15.62 4.73
CA LEU B 207 1.05 -14.54 4.87
C LEU B 207 0.87 -13.48 3.80
N ALA B 208 0.71 -13.92 2.55
CA ALA B 208 0.50 -13.00 1.45
C ALA B 208 -0.80 -12.22 1.61
N GLN B 209 -1.86 -12.94 1.97
CA GLN B 209 -3.17 -12.31 2.21
C GLN B 209 -3.07 -11.19 3.25
N LEU B 210 -2.41 -11.47 4.37
CA LEU B 210 -2.23 -10.45 5.41
C LEU B 210 -1.43 -9.23 4.93
N LEU B 211 -0.32 -9.47 4.23
CA LEU B 211 0.52 -8.35 3.81
C LEU B 211 -0.13 -7.51 2.71
N LEU B 212 -0.94 -8.13 1.86
CA LEU B 212 -1.63 -7.35 0.83
C LEU B 212 -2.65 -6.40 1.45
N ILE B 213 -3.18 -6.77 2.62
CA ILE B 213 -4.12 -5.89 3.30
C ILE B 213 -3.40 -4.60 3.74
N LEU B 214 -2.09 -4.70 3.95
CA LEU B 214 -1.30 -3.54 4.36
C LEU B 214 -1.24 -2.49 3.24
N SER B 215 -1.36 -2.92 1.99
CA SER B 215 -1.44 -1.97 0.89
C SER B 215 -2.73 -1.16 0.98
N HIS B 216 -3.81 -1.80 1.36
CA HIS B 216 -5.10 -1.12 1.49
CA HIS B 216 -5.08 -1.10 1.46
C HIS B 216 -5.10 -0.17 2.68
N ILE B 217 -4.45 -0.57 3.76
CA ILE B 217 -4.33 0.30 4.93
C ILE B 217 -3.48 1.53 4.56
N ARG B 218 -2.44 1.36 3.77
CA ARG B 218 -1.70 2.53 3.32
C ARG B 218 -2.56 3.42 2.49
N HIS B 219 -3.35 2.83 1.63
CA HIS B 219 -4.28 3.54 0.77
C HIS B 219 -5.24 4.36 1.61
N MET B 220 -5.82 3.73 2.63
CA MET B 220 -6.77 4.42 3.49
C MET B 220 -6.15 5.61 4.20
N SER B 221 -4.94 5.42 4.71
CA SER B 221 -4.22 6.51 5.38
C SER B 221 -3.97 7.68 4.42
N ASN B 222 -3.51 7.39 3.22
CA ASN B 222 -3.28 8.46 2.26
C ASN B 222 -4.57 9.19 1.89
N LYS B 223 -5.65 8.44 1.72
CA LYS B 223 -6.91 9.07 1.31
C LYS B 223 -7.45 9.94 2.44
N GLY B 224 -7.24 9.48 3.67
CA GLY B 224 -7.62 10.23 4.84
C GLY B 224 -6.95 11.59 4.89
N MET B 225 -5.63 11.60 4.77
CA MET B 225 -4.86 12.86 4.74
C MET B 225 -5.35 13.78 3.60
N GLU B 226 -5.58 13.21 2.43
CA GLU B 226 -6.02 13.99 1.27
C GLU B 226 -7.32 14.72 1.57
N HIS B 227 -8.27 14.01 2.18
CA HIS B 227 -9.54 14.60 2.59
C HIS B 227 -9.32 15.67 3.66
N LEU B 228 -8.34 15.43 4.53
CA LEU B 228 -8.02 16.39 5.59
C LEU B 228 -7.56 17.72 5.00
N TYR B 229 -6.71 17.65 3.99
CA TYR B 229 -6.17 18.85 3.34
C TYR B 229 -7.13 19.44 2.31
N SER B 230 -8.30 18.82 2.15
CA SER B 230 -9.26 19.27 1.14
C SER B 230 -9.90 20.60 1.53
N VAL B 237 -11.64 20.98 10.58
CA VAL B 237 -11.35 20.05 11.65
C VAL B 237 -10.43 20.71 12.67
N PRO B 238 -10.66 20.43 13.96
CA PRO B 238 -9.74 20.89 15.00
C PRO B 238 -8.61 19.88 15.18
N LEU B 239 -7.40 20.37 15.41
CA LEU B 239 -6.25 19.48 15.54
C LEU B 239 -5.40 19.84 16.74
N SER B 240 -5.03 18.83 17.53
CA SER B 240 -4.15 19.05 18.68
C SER B 240 -2.74 19.39 18.20
N ASP B 241 -1.93 19.95 19.10
CA ASP B 241 -0.57 20.34 18.74
C ASP B 241 0.28 19.13 18.35
N LEU B 242 0.04 17.99 18.98
CA LEU B 242 0.78 16.78 18.65
C LEU B 242 0.38 16.27 17.26
N LEU B 243 -0.91 16.30 16.97
CA LEU B 243 -1.40 15.87 15.65
C LEU B 243 -0.86 16.80 14.57
N LEU B 244 -0.83 18.09 14.84
CA LEU B 244 -0.30 19.07 13.91
C LEU B 244 1.16 18.80 13.57
N GLU B 245 1.96 18.48 14.59
CA GLU B 245 3.36 18.12 14.37
C GLU B 245 3.49 16.92 13.44
N MET B 246 2.57 15.97 13.58
CA MET B 246 2.57 14.76 12.76
C MET B 246 2.16 15.05 11.32
N LEU B 247 1.20 15.96 11.17
CA LEU B 247 0.59 16.23 9.87
C LEU B 247 1.54 16.86 8.88
N ASP B 248 1.97 18.06 9.18
CA ASP B 248 2.99 18.63 8.40
C ASP B 248 4.22 17.83 8.73
N ALA B 249 4.07 16.52 8.79
CA ALA B 249 5.05 15.59 8.23
C ALA B 249 4.61 14.82 6.99
N HIS B 250 3.48 15.19 6.42
CA HIS B 250 2.99 14.50 5.24
C HIS B 250 2.85 15.42 4.05
N HIS C 2 -20.20 6.90 -22.73
CA HIS C 2 -19.75 6.57 -21.39
C HIS C 2 -18.23 6.54 -21.32
N LYS C 3 -17.69 5.60 -20.56
CA LYS C 3 -16.24 5.52 -20.37
C LYS C 3 -15.54 4.86 -21.55
N ILE C 4 -14.43 5.45 -21.95
CA ILE C 4 -13.56 4.89 -22.98
C ILE C 4 -13.02 3.54 -22.56
N LEU C 5 -12.81 3.35 -21.28
CA LEU C 5 -12.21 2.16 -20.77
C LEU C 5 -13.05 0.95 -21.10
N HIS C 6 -14.36 1.11 -21.06
CA HIS C 6 -15.23 0.01 -21.37
C HIS C 6 -14.98 -0.46 -22.76
N ARG C 7 -14.88 0.48 -23.66
CA ARG C 7 -14.75 0.17 -25.05
C ARG C 7 -13.46 -0.52 -25.31
N LEU C 8 -12.40 -0.04 -24.70
CA LEU C 8 -11.08 -0.62 -24.88
C LEU C 8 -11.03 -2.03 -24.31
N LEU C 9 -11.87 -2.29 -23.31
CA LEU C 9 -11.92 -3.60 -22.67
C LEU C 9 -12.67 -4.62 -23.53
N GLN C 10 -13.73 -4.15 -24.20
CA GLN C 10 -14.58 -5.06 -24.97
C GLN C 10 -13.92 -5.51 -26.28
N ASP C 11 -13.02 -4.68 -26.81
CA ASP C 11 -12.33 -5.02 -28.05
C ASP C 11 -10.82 -4.83 -27.94
N LYS D 3 9.60 19.86 19.14
CA LYS D 3 8.46 19.01 18.83
C LYS D 3 8.07 18.16 20.03
N ILE D 4 6.79 18.19 20.39
CA ILE D 4 6.22 17.40 21.48
C ILE D 4 6.59 15.92 21.36
N LEU D 5 6.65 15.46 20.11
CA LEU D 5 7.01 14.08 19.79
C LEU D 5 8.38 13.71 20.36
N HIS D 6 9.28 14.69 20.42
CA HIS D 6 10.60 14.47 20.99
C HIS D 6 10.53 14.22 22.49
N ARG D 7 9.81 15.10 23.19
CA ARG D 7 9.68 15.00 24.64
C ARG D 7 9.06 13.66 25.02
N LEU D 8 8.08 13.21 24.23
CA LEU D 8 7.41 11.96 24.51
C LEU D 8 8.31 10.77 24.15
N LEU D 9 9.09 10.90 23.09
CA LEU D 9 10.01 9.85 22.69
C LEU D 9 11.18 9.76 23.67
N GLN D 10 11.63 10.90 24.15
CA GLN D 10 12.79 10.96 25.03
C GLN D 10 12.48 10.69 26.50
N ASP D 11 11.24 10.97 26.91
CA ASP D 11 10.85 10.79 28.31
C ASP D 11 11.06 9.37 28.80
C01 OBT E . 0.56 10.14 -16.49
C02 OBT E . 0.60 11.34 -17.02
C03 OBT E . 1.66 12.08 -16.79
C04 OBT E . 2.64 11.60 -16.05
C05 OBT E . 2.63 10.39 -15.52
C06 OBT E . 1.55 9.67 -15.75
O01 OBT E . -0.38 11.80 -17.76
C07 OBT E . 3.64 10.00 -14.75
C08 OBT E . 4.46 8.95 -14.62
C09 OBT E . 5.32 9.34 -13.43
C10 OBT E . 4.62 7.81 -15.33
C11 OBT E . 4.09 10.94 -13.63
C12 OBT E . 4.35 7.77 -16.64
C13 OBT E . 4.54 6.68 -17.37
C14 OBT E . 5.04 5.57 -16.86
C15 OBT E . 5.32 5.60 -15.55
C16 OBT E . 5.13 6.68 -14.82
O02 OBT E . 5.24 4.48 -17.59
C17 OBT E . 3.67 10.52 -12.26
C18 OBT E . 4.52 9.25 -12.15
S01 OBT E . 4.13 11.84 -11.04
O03 OBT E . 5.42 10.72 -13.48
N01 OBT E . 5.78 11.94 -10.95
O04 OBT E . 3.43 11.12 -10.06
O05 OBT E . 3.41 12.93 -11.59
C01 OBT F . -7.84 11.88 13.86
C02 OBT F . -8.55 12.97 14.10
C03 OBT F . -9.81 12.90 13.78
C04 OBT F . -10.36 11.81 13.26
C05 OBT F . -9.66 10.70 13.03
C06 OBT F . -8.39 10.80 13.33
O01 OBT F . -8.01 14.07 14.64
C07 OBT F . -10.18 9.60 12.45
C08 OBT F . -10.19 8.27 12.70
C09 OBT F . -10.90 7.71 11.47
C10 OBT F . -9.71 7.51 13.69
C11 OBT F . -10.89 9.71 11.11
C12 OBT F . -9.57 7.96 14.94
C13 OBT F . -9.09 7.21 15.92
C14 OBT F . -8.69 5.98 15.73
C15 OBT F . -8.80 5.51 14.50
C16 OBT F . -9.29 6.25 13.51
O02 OBT F . -8.20 5.25 16.74
C17 OBT F . -9.84 9.32 10.08
C18 OBT F . -9.99 7.80 10.24
S01 OBT F . -10.07 10.02 8.39
O03 OBT F . -11.80 8.68 11.12
N01 OBT F . -9.68 11.59 8.27
O04 OBT F . -11.31 9.52 8.15
O05 OBT F . -9.00 9.35 7.88
C19 OBT F . -10.29 12.28 7.07
C20 OBT F . -11.33 13.24 7.37
F1 OBT F . -10.81 14.34 7.70
F2 OBT F . -12.16 13.52 6.47
F3 OBT F . -12.00 12.79 8.34
C21 OBT F . -8.80 12.16 8.97
C22 OBT F . -8.95 12.86 10.09
C23 OBT F . -7.96 13.45 10.73
C24 OBT F . -6.73 13.37 10.28
C25 OBT F . -6.54 12.70 9.16
C26 OBT F . -7.56 12.13 8.54
CL1 OBT F . -5.45 14.13 11.09
#